data_9JTQ
#
_entry.id   9JTQ
#
_cell.length_a   51.590
_cell.length_b   60.370
_cell.length_c   86.100
_cell.angle_alpha   90.00
_cell.angle_beta   90.00
_cell.angle_gamma   90.00
#
_symmetry.space_group_name_H-M   'P 2 21 21'
#
loop_
_entity.id
_entity.type
_entity.pdbx_description
1 polymer Rhodopsin
2 non-polymer RETINAL
3 non-polymer '(2R)-2,3-dihydroxypropyl (9Z)-octadec-9-enoate'
4 non-polymer 'NITRATE ION'
5 water water
#
_entity_poly.entity_id   1
_entity_poly.type   'polypeptide(L)'
_entity_poly.pdbx_seq_one_letter_code
;MVLVELTYYLFFIGYISMGAAFIFFWTERSNVKDKLPLTLSGLIVLIAAVHYYYMRGEFEALATATSFDRFVAITPIRYI
DWILTTPLMVFKFVYVLKADRNWGIKLMVLDFLMVLTGLFGELRLAEMELGSVDGMRVVWGTLSGIFYFWLVYELWNKRP
EGIELAPVMTFQAIEGDEATKAYVTLLRFVLIGWGIYPIGYLIPTYFAGAGAADVFDWVNIIYNIGDFVNKIGFGFATYL
LVKGSELEHHHHHH
;
_entity_poly.pdbx_strand_id   A
#
loop_
_chem_comp.id
_chem_comp.type
_chem_comp.name
_chem_comp.formula
NO3 non-polymer 'NITRATE ION' 'N O3 -1'
OLC non-polymer '(2R)-2,3-dihydroxypropyl (9Z)-octadec-9-enoate' 'C21 H40 O4'
RET non-polymer RETINAL 'C20 H28 O'
#
# COMPACT_ATOMS: atom_id res chain seq x y z
N MET A 1 -2.59 -6.01 26.88
CA MET A 1 -1.71 -7.01 26.31
C MET A 1 -2.34 -7.66 25.08
N VAL A 2 -3.67 -7.79 25.09
CA VAL A 2 -4.35 -8.47 23.98
C VAL A 2 -4.19 -7.70 22.69
N LEU A 3 -4.26 -6.36 22.76
CA LEU A 3 -4.02 -5.54 21.58
C LEU A 3 -2.59 -5.66 21.09
N VAL A 4 -1.64 -5.80 22.00
CA VAL A 4 -0.24 -5.98 21.61
C VAL A 4 -0.04 -7.33 20.93
N GLU A 5 -0.62 -8.39 21.52
CA GLU A 5 -0.53 -9.72 20.93
C GLU A 5 -1.15 -9.76 19.54
N LEU A 6 -2.31 -9.12 19.38
CA LEU A 6 -2.97 -9.10 18.07
C LEU A 6 -2.12 -8.38 17.04
N THR A 7 -1.54 -7.24 17.41
CA THR A 7 -0.64 -6.53 16.50
C THR A 7 0.56 -7.40 16.13
N TYR A 8 1.13 -8.08 17.13
CA TYR A 8 2.29 -8.92 16.89
C TYR A 8 1.97 -10.03 15.90
N TYR A 9 0.85 -10.72 16.09
CA TYR A 9 0.51 -11.83 15.21
C TYR A 9 0.08 -11.36 13.82
N LEU A 10 -0.39 -10.12 13.69
CA LEU A 10 -0.68 -9.60 12.35
C LEU A 10 0.60 -9.38 11.55
N PHE A 11 1.69 -9.00 12.21
CA PHE A 11 2.99 -8.96 11.54
C PHE A 11 3.41 -10.35 11.08
N PHE A 12 3.10 -11.37 11.90
CA PHE A 12 3.44 -12.75 11.53
C PHE A 12 2.62 -13.22 10.35
N ILE A 13 1.29 -13.04 10.42
CA ILE A 13 0.42 -13.37 9.29
C ILE A 13 0.87 -12.64 8.04
N GLY A 14 1.37 -11.41 8.20
CA GLY A 14 1.81 -10.63 7.06
C GLY A 14 2.97 -11.28 6.32
N TYR A 15 4.03 -11.63 7.05
CA TYR A 15 5.20 -12.18 6.37
C TYR A 15 4.95 -13.60 5.87
N ILE A 16 4.12 -14.37 6.55
CA ILE A 16 3.74 -15.69 6.05
C ILE A 16 2.91 -15.56 4.77
N SER A 17 1.92 -14.66 4.78
CA SER A 17 1.05 -14.51 3.62
C SER A 17 1.79 -13.90 2.43
N MET A 18 2.66 -12.94 2.70
CA MET A 18 3.48 -12.36 1.63
C MET A 18 4.42 -13.40 1.04
N GLY A 19 4.99 -14.25 1.88
CA GLY A 19 5.90 -15.28 1.39
C GLY A 19 5.18 -16.35 0.60
N ALA A 20 3.98 -16.73 1.05
CA ALA A 20 3.18 -17.70 0.30
C ALA A 20 2.76 -17.13 -1.05
N ALA A 21 2.35 -15.85 -1.06
CA ALA A 21 2.02 -15.21 -2.34
C ALA A 21 3.23 -15.15 -3.25
N PHE A 22 4.42 -14.89 -2.69
CA PHE A 22 5.62 -14.88 -3.52
C PHE A 22 5.82 -16.23 -4.19
N ILE A 23 5.73 -17.31 -3.41
CA ILE A 23 5.88 -18.66 -3.96
C ILE A 23 4.88 -18.90 -5.07
N PHE A 24 3.62 -18.49 -4.87
CA PHE A 24 2.60 -18.69 -5.88
C PHE A 24 2.94 -17.95 -7.17
N PHE A 25 3.18 -16.63 -7.06
CA PHE A 25 3.45 -15.83 -8.25
C PHE A 25 4.72 -16.28 -8.95
N TRP A 26 5.76 -16.61 -8.18
CA TRP A 26 7.01 -17.02 -8.81
C TRP A 26 6.88 -18.36 -9.51
N THR A 27 6.05 -19.26 -8.97
CA THR A 27 5.82 -20.52 -9.65
C THR A 27 5.03 -20.31 -10.94
N GLU A 28 3.99 -19.48 -10.89
CA GLU A 28 3.10 -19.32 -12.04
C GLU A 28 3.76 -18.59 -13.21
N ARG A 29 4.86 -17.86 -12.97
CA ARG A 29 5.55 -17.22 -14.08
C ARG A 29 6.28 -18.22 -14.97
N SER A 30 6.45 -19.46 -14.51
CA SER A 30 7.08 -20.48 -15.34
C SER A 30 6.16 -20.97 -16.45
N ASN A 31 4.86 -20.66 -16.36
CA ASN A 31 3.88 -21.14 -17.31
C ASN A 31 3.44 -20.08 -18.31
N VAL A 32 4.15 -18.95 -18.37
CA VAL A 32 3.83 -17.88 -19.31
C VAL A 32 5.09 -17.48 -20.05
N LYS A 33 4.89 -16.92 -21.25
CA LYS A 33 6.01 -16.45 -22.06
C LYS A 33 6.44 -15.05 -21.62
N ASP A 34 5.48 -14.15 -21.39
CA ASP A 34 5.76 -12.82 -20.86
C ASP A 34 5.77 -12.92 -19.35
N LYS A 35 6.96 -13.13 -18.78
CA LYS A 35 7.12 -13.37 -17.36
C LYS A 35 7.25 -12.10 -16.53
N LEU A 36 7.31 -10.92 -17.15
CA LEU A 36 7.54 -9.69 -16.38
C LEU A 36 6.44 -9.41 -15.36
N PRO A 37 5.14 -9.44 -15.70
CA PRO A 37 4.14 -9.07 -14.69
C PRO A 37 4.15 -9.94 -13.44
N LEU A 38 4.26 -11.26 -13.60
CA LEU A 38 4.31 -12.13 -12.42
C LEU A 38 5.64 -12.02 -11.70
N THR A 39 6.72 -11.72 -12.42
CA THR A 39 7.98 -11.40 -11.75
C THR A 39 7.81 -10.18 -10.85
N LEU A 40 7.13 -9.14 -11.35
CA LEU A 40 6.93 -7.93 -10.55
C LEU A 40 6.03 -8.20 -9.37
N SER A 41 4.91 -8.93 -9.58
CA SER A 41 4.05 -9.30 -8.46
C SER A 41 4.82 -10.08 -7.41
N GLY A 42 5.69 -11.00 -7.84
CA GLY A 42 6.46 -11.77 -6.89
C GLY A 42 7.47 -10.92 -6.13
N LEU A 43 8.13 -10.00 -6.83
CA LEU A 43 9.10 -9.13 -6.18
C LEU A 43 8.43 -8.24 -5.13
N ILE A 44 7.22 -7.76 -5.42
CA ILE A 44 6.52 -6.88 -4.50
C ILE A 44 6.26 -7.59 -3.17
N VAL A 45 5.69 -8.80 -3.23
CA VAL A 45 5.38 -9.50 -1.98
C VAL A 45 6.62 -10.08 -1.32
N LEU A 46 7.67 -10.38 -2.10
CA LEU A 46 8.90 -10.87 -1.48
C LEU A 46 9.58 -9.76 -0.69
N ILE A 47 9.65 -8.55 -1.25
CA ILE A 47 10.19 -7.41 -0.53
C ILE A 47 9.37 -7.15 0.73
N ALA A 48 8.04 -7.18 0.61
CA ALA A 48 7.20 -6.95 1.78
C ALA A 48 7.37 -8.06 2.82
N ALA A 49 7.58 -9.29 2.39
CA ALA A 49 7.76 -10.38 3.33
C ALA A 49 9.04 -10.20 4.15
N VAL A 50 10.12 -9.76 3.50
CA VAL A 50 11.38 -9.55 4.21
C VAL A 50 11.25 -8.41 5.22
N HIS A 51 10.57 -7.33 4.82
CA HIS A 51 10.41 -6.21 5.75
C HIS A 51 9.47 -6.55 6.89
N TYR A 52 8.44 -7.36 6.63
CA TYR A 52 7.53 -7.77 7.70
C TYR A 52 8.23 -8.69 8.70
N TYR A 53 9.14 -9.54 8.23
CA TYR A 53 9.90 -10.39 9.14
C TYR A 53 10.67 -9.55 10.15
N TYR A 54 11.34 -8.50 9.69
CA TYR A 54 12.13 -7.67 10.60
C TYR A 54 11.27 -6.73 11.43
N MET A 55 10.16 -6.25 10.87
CA MET A 55 9.23 -5.45 11.66
C MET A 55 8.66 -6.26 12.82
N ARG A 56 8.32 -7.53 12.56
CA ARG A 56 7.84 -8.40 13.63
C ARG A 56 8.89 -8.56 14.72
N GLY A 57 10.14 -8.82 14.33
CA GLY A 57 11.20 -8.98 15.31
C GLY A 57 11.47 -7.71 16.10
N GLU A 58 11.35 -6.55 15.46
CA GLU A 58 11.55 -5.29 16.17
C GLU A 58 10.38 -5.00 17.10
N PHE A 59 9.16 -5.29 16.67
CA PHE A 59 7.99 -5.15 17.54
C PHE A 59 8.18 -5.95 18.82
N GLU A 60 8.57 -7.22 18.68
CA GLU A 60 8.81 -8.07 19.85
C GLU A 60 9.92 -7.51 20.72
N ALA A 61 10.96 -6.96 20.12
CA ALA A 61 12.09 -6.44 20.90
C ALA A 61 11.67 -5.27 21.78
N LEU A 62 10.58 -4.59 21.47
CA LEU A 62 10.12 -3.44 22.24
C LEU A 62 8.79 -3.71 22.91
N ALA A 63 8.59 -4.94 23.38
CA ALA A 63 7.34 -5.29 24.05
C ALA A 63 7.19 -4.58 25.39
N THR A 64 8.28 -4.13 26.01
CA THR A 64 8.19 -3.39 27.26
C THR A 64 8.29 -1.88 27.08
N ALA A 65 8.36 -1.40 25.85
CA ALA A 65 8.37 0.03 25.60
C ALA A 65 6.95 0.54 25.33
N THR A 66 6.82 1.85 25.20
CA THR A 66 5.52 2.43 24.87
C THR A 66 5.15 2.11 23.43
N SER A 67 3.84 2.15 23.15
CA SER A 67 3.37 1.89 21.80
C SER A 67 3.85 2.98 20.84
N PHE A 68 3.98 4.21 21.33
CA PHE A 68 4.61 5.27 20.52
C PHE A 68 6.02 4.88 20.14
N ASP A 69 6.79 4.35 21.08
CA ASP A 69 8.17 3.93 20.79
C ASP A 69 8.19 2.76 19.82
N ARG A 70 7.27 1.81 19.98
CA ARG A 70 7.17 0.72 19.02
C ARG A 70 6.87 1.25 17.62
N PHE A 71 6.01 2.27 17.54
CA PHE A 71 5.58 2.78 16.24
C PHE A 71 6.70 3.55 15.55
N VAL A 72 7.37 4.46 16.27
CA VAL A 72 8.45 5.22 15.66
C VAL A 72 9.64 4.34 15.29
N ALA A 73 9.79 3.21 15.98
CA ALA A 73 10.91 2.31 15.67
C ALA A 73 10.66 1.49 14.40
N ILE A 74 9.39 1.23 14.06
CA ILE A 74 9.04 0.25 13.04
C ILE A 74 8.64 0.94 11.74
N THR A 75 7.99 2.10 11.86
CA THR A 75 7.37 2.72 10.69
C THR A 75 8.35 3.16 9.60
N PRO A 76 9.57 3.64 9.90
CA PRO A 76 10.50 3.95 8.80
C PRO A 76 10.80 2.77 7.89
N ILE A 77 10.86 1.56 8.45
CA ILE A 77 11.05 0.37 7.62
C ILE A 77 9.84 0.15 6.73
N ARG A 78 8.64 0.45 7.25
CA ARG A 78 7.43 0.33 6.44
C ARG A 78 7.46 1.32 5.27
N TYR A 79 8.02 2.51 5.48
CA TYR A 79 8.10 3.49 4.40
C TYR A 79 9.12 3.09 3.34
N ILE A 80 10.23 2.47 3.77
CA ILE A 80 11.18 1.92 2.81
C ILE A 80 10.50 0.87 1.94
N ASP A 81 9.68 0.02 2.56
CA ASP A 81 8.90 -0.97 1.82
C ASP A 81 7.95 -0.29 0.83
N TRP A 82 7.23 0.73 1.29
CA TRP A 82 6.31 1.44 0.41
C TRP A 82 7.04 2.10 -0.76
N ILE A 83 8.21 2.67 -0.49
CA ILE A 83 8.93 3.39 -1.53
C ILE A 83 9.50 2.45 -2.59
N LEU A 84 9.74 1.18 -2.23
CA LEU A 84 10.23 0.22 -3.21
C LEU A 84 9.09 -0.49 -3.94
N THR A 85 8.02 -0.84 -3.22
CA THR A 85 6.99 -1.70 -3.81
C THR A 85 5.99 -0.91 -4.63
N THR A 86 5.58 0.28 -4.16
CA THR A 86 4.50 0.97 -4.85
C THR A 86 4.90 1.44 -6.26
N PRO A 87 6.15 1.86 -6.52
CA PRO A 87 6.53 2.10 -7.91
C PRO A 87 6.48 0.84 -8.77
N LEU A 88 6.79 -0.32 -8.19
CA LEU A 88 6.71 -1.56 -8.95
C LEU A 88 5.26 -1.90 -9.30
N MET A 89 4.34 -1.65 -8.37
CA MET A 89 2.91 -1.89 -8.63
C MET A 89 2.41 -1.00 -9.77
N VAL A 90 2.82 0.27 -9.78
CA VAL A 90 2.37 1.18 -10.83
C VAL A 90 2.97 0.78 -12.17
N PHE A 91 4.27 0.46 -12.20
CA PHE A 91 4.90 0.04 -13.44
C PHE A 91 4.26 -1.23 -13.98
N LYS A 92 3.90 -2.16 -13.10
CA LYS A 92 3.29 -3.41 -13.57
C LYS A 92 1.94 -3.15 -14.25
N PHE A 93 1.13 -2.27 -13.66
CA PHE A 93 -0.15 -1.93 -14.27
C PHE A 93 0.04 -1.28 -15.64
N VAL A 94 0.92 -0.28 -15.71
CA VAL A 94 1.15 0.42 -16.98
C VAL A 94 1.70 -0.54 -18.03
N TYR A 95 2.53 -1.51 -17.60
CA TYR A 95 3.14 -2.44 -18.54
C TYR A 95 2.10 -3.38 -19.15
N VAL A 96 1.26 -3.99 -18.31
CA VAL A 96 0.26 -4.92 -18.81
C VAL A 96 -0.74 -4.21 -19.70
N LEU A 97 -1.10 -2.97 -19.36
CA LEU A 97 -2.03 -2.19 -20.15
C LEU A 97 -1.41 -1.70 -21.45
N LYS A 98 -0.07 -1.75 -21.57
CA LYS A 98 0.64 -1.16 -22.70
C LYS A 98 0.33 0.33 -22.83
N ALA A 99 0.31 1.01 -21.69
CA ALA A 99 0.01 2.44 -21.67
C ALA A 99 1.23 3.25 -22.09
N ASP A 100 0.98 4.54 -22.34
CA ASP A 100 2.06 5.45 -22.71
C ASP A 100 3.13 5.46 -21.62
N ARG A 101 4.39 5.25 -22.03
CA ARG A 101 5.44 5.07 -21.03
C ARG A 101 5.73 6.37 -20.29
N ASN A 102 5.72 7.50 -21.00
CA ASN A 102 5.94 8.78 -20.33
C ASN A 102 4.83 9.05 -19.32
N TRP A 103 3.59 8.68 -19.64
CA TRP A 103 2.51 8.74 -18.66
C TRP A 103 2.79 7.81 -17.48
N GLY A 104 3.30 6.60 -17.76
CA GLY A 104 3.64 5.70 -16.68
C GLY A 104 4.73 6.25 -15.79
N ILE A 105 5.71 6.94 -16.38
CA ILE A 105 6.80 7.52 -15.60
C ILE A 105 6.28 8.60 -14.66
N LYS A 106 5.38 9.46 -15.16
CA LYS A 106 4.80 10.50 -14.33
C LYS A 106 4.02 9.90 -13.15
N LEU A 107 3.28 8.82 -13.40
CA LEU A 107 2.56 8.16 -12.31
C LEU A 107 3.53 7.64 -11.26
N MET A 108 4.64 7.05 -11.69
CA MET A 108 5.62 6.54 -10.75
C MET A 108 6.28 7.66 -9.96
N VAL A 109 6.50 8.82 -10.59
CA VAL A 109 7.09 9.94 -9.88
C VAL A 109 6.12 10.48 -8.83
N LEU A 110 4.84 10.62 -9.19
CA LEU A 110 3.85 11.08 -8.21
C LEU A 110 3.74 10.11 -7.05
N ASP A 111 3.76 8.80 -7.34
CA ASP A 111 3.71 7.81 -6.27
C ASP A 111 4.94 7.93 -5.37
N PHE A 112 6.12 8.07 -5.96
CA PHE A 112 7.34 8.20 -5.17
C PHE A 112 7.29 9.44 -4.28
N LEU A 113 6.87 10.59 -4.84
CA LEU A 113 6.79 11.81 -4.06
C LEU A 113 5.74 11.70 -2.96
N MET A 114 4.63 11.02 -3.23
CA MET A 114 3.64 10.75 -2.20
C MET A 114 4.25 10.07 -0.99
N VAL A 115 5.01 8.98 -1.23
CA VAL A 115 5.58 8.22 -0.12
C VAL A 115 6.70 9.01 0.54
N LEU A 116 7.51 9.71 -0.25
CA LEU A 116 8.66 10.42 0.31
C LEU A 116 8.23 11.57 1.21
N THR A 117 7.22 12.35 0.80
CA THR A 117 6.75 13.43 1.66
C THR A 117 6.04 12.87 2.89
N GLY A 118 5.33 11.76 2.75
CA GLY A 118 4.79 11.09 3.91
C GLY A 118 5.87 10.67 4.90
N LEU A 119 7.00 10.17 4.37
CA LEU A 119 8.12 9.79 5.24
C LEU A 119 8.64 10.99 6.01
N PHE A 120 8.73 12.16 5.37
CA PHE A 120 9.19 13.35 6.07
C PHE A 120 8.29 13.70 7.24
N GLY A 121 6.98 13.49 7.09
CA GLY A 121 6.07 13.72 8.19
C GLY A 121 6.17 12.65 9.26
N GLU A 122 6.47 11.41 8.87
CA GLU A 122 6.70 10.36 9.86
C GLU A 122 7.91 10.68 10.72
N LEU A 123 8.97 11.20 10.11
CA LEU A 123 10.17 11.53 10.86
C LEU A 123 9.96 12.67 11.85
N ARG A 124 8.87 13.42 11.72
CA ARG A 124 8.55 14.47 12.68
C ARG A 124 8.03 13.90 14.00
N LEU A 125 7.62 12.63 14.02
CA LEU A 125 7.01 12.08 15.24
C LEU A 125 8.02 12.00 16.38
N ALA A 126 9.22 11.51 16.10
CA ALA A 126 10.24 11.43 17.15
C ALA A 126 10.68 12.80 17.65
N GLU A 127 10.50 13.85 16.85
CA GLU A 127 10.79 15.21 17.27
C GLU A 127 9.56 15.94 17.76
N MET A 128 8.52 15.22 18.15
CA MET A 128 7.27 15.80 18.60
C MET A 128 7.16 15.69 20.12
N GLU A 129 6.73 16.78 20.75
CA GLU A 129 6.29 16.73 22.14
C GLU A 129 4.80 16.37 22.14
N LEU A 130 4.45 15.28 22.81
CA LEU A 130 3.10 14.77 22.70
C LEU A 130 2.10 15.72 23.35
N GLY A 131 0.84 15.59 22.93
CA GLY A 131 -0.17 16.58 23.22
C GLY A 131 -0.17 17.75 22.27
N SER A 132 0.91 17.94 21.50
CA SER A 132 1.00 19.00 20.53
C SER A 132 0.80 18.43 19.12
N VAL A 133 0.37 19.30 18.21
CA VAL A 133 0.25 18.97 16.79
C VAL A 133 1.37 19.69 16.07
N ASP A 134 2.20 18.93 15.36
CA ASP A 134 3.40 19.47 14.75
C ASP A 134 3.09 20.07 13.38
N GLY A 135 3.56 21.30 13.17
CA GLY A 135 3.25 21.99 11.92
C GLY A 135 3.79 21.26 10.70
N MET A 136 5.07 20.86 10.74
CA MET A 136 5.65 20.19 9.58
C MET A 136 5.02 18.81 9.35
N ARG A 137 4.57 18.15 10.41
CA ARG A 137 3.86 16.89 10.24
C ARG A 137 2.60 17.07 9.41
N VAL A 138 1.86 18.17 9.67
CA VAL A 138 0.63 18.40 8.94
C VAL A 138 0.93 18.88 7.52
N VAL A 139 1.97 19.68 7.34
CA VAL A 139 2.32 20.17 6.02
C VAL A 139 2.78 19.03 5.12
N TRP A 140 3.67 18.17 5.63
CA TRP A 140 4.14 17.04 4.84
C TRP A 140 2.99 16.08 4.50
N GLY A 141 2.14 15.79 5.49
CA GLY A 141 1.01 14.91 5.23
C GLY A 141 0.04 15.49 4.21
N THR A 142 -0.16 16.81 4.23
CA THR A 142 -1.02 17.45 3.25
C THR A 142 -0.41 17.37 1.85
N LEU A 143 0.89 17.65 1.75
CA LEU A 143 1.57 17.54 0.46
C LEU A 143 1.55 16.12 -0.05
N SER A 144 1.71 15.14 0.84
CA SER A 144 1.59 13.74 0.44
C SER A 144 0.20 13.45 -0.09
N GLY A 145 -0.84 13.94 0.60
CA GLY A 145 -2.20 13.77 0.11
C GLY A 145 -2.43 14.45 -1.23
N ILE A 146 -1.75 15.56 -1.49
CA ILE A 146 -1.88 16.24 -2.77
C ILE A 146 -1.28 15.37 -3.89
N PHE A 147 -0.12 14.76 -3.64
CA PHE A 147 0.45 13.86 -4.64
C PHE A 147 -0.43 12.64 -4.84
N TYR A 148 -1.09 12.16 -3.78
CA TYR A 148 -2.02 11.05 -3.91
C TYR A 148 -3.23 11.43 -4.77
N PHE A 149 -3.83 12.59 -4.49
CA PHE A 149 -4.98 13.02 -5.29
C PHE A 149 -4.56 13.40 -6.71
N TRP A 150 -3.34 13.90 -6.88
CA TRP A 150 -2.81 14.11 -8.22
C TRP A 150 -2.70 12.79 -8.98
N LEU A 151 -2.20 11.76 -8.30
CA LEU A 151 -2.15 10.43 -8.91
C LEU A 151 -3.54 9.91 -9.21
N VAL A 152 -4.47 10.05 -8.26
CA VAL A 152 -5.86 9.63 -8.48
C VAL A 152 -6.46 10.39 -9.67
N TYR A 153 -6.18 11.69 -9.76
CA TYR A 153 -6.72 12.48 -10.85
C TYR A 153 -6.24 11.98 -12.20
N GLU A 154 -4.95 11.66 -12.32
CA GLU A 154 -4.41 11.20 -13.59
C GLU A 154 -5.01 9.86 -14.00
N LEU A 155 -5.21 8.96 -13.04
CA LEU A 155 -5.83 7.67 -13.33
C LEU A 155 -7.29 7.84 -13.72
N TRP A 156 -8.02 8.68 -12.99
CA TRP A 156 -9.41 8.94 -13.30
C TRP A 156 -9.57 9.60 -14.66
N ASN A 157 -8.70 10.56 -14.97
CA ASN A 157 -8.80 11.32 -16.21
C ASN A 157 -8.61 10.44 -17.44
N LYS A 158 -7.91 9.31 -17.30
CA LYS A 158 -7.63 8.42 -18.42
C LYS A 158 -8.49 7.17 -18.40
N ARG A 159 -9.51 7.12 -17.55
CA ARG A 159 -10.30 5.90 -17.39
C ARG A 159 -11.05 5.58 -18.68
N PRO A 160 -11.33 4.31 -18.93
CA PRO A 160 -12.10 3.95 -20.13
C PRO A 160 -13.50 4.53 -20.09
N GLU A 161 -14.06 4.73 -21.27
CA GLU A 161 -15.37 5.36 -21.40
C GLU A 161 -16.44 4.55 -20.69
N GLY A 162 -17.42 5.25 -20.12
CA GLY A 162 -18.52 4.62 -19.41
C GLY A 162 -18.28 4.36 -17.94
N ILE A 163 -17.04 4.49 -17.47
CA ILE A 163 -16.71 4.19 -16.08
C ILE A 163 -17.09 5.39 -15.22
N GLU A 164 -17.97 5.17 -14.26
CA GLU A 164 -18.43 6.22 -13.36
C GLU A 164 -18.09 5.86 -11.92
N LEU A 165 -18.14 6.86 -11.05
CA LEU A 165 -17.63 6.71 -9.69
C LEU A 165 -18.48 5.74 -8.87
N ALA A 166 -19.80 5.91 -8.91
CA ALA A 166 -20.67 5.06 -8.10
C ALA A 166 -20.53 3.58 -8.42
N PRO A 167 -20.53 3.14 -9.68
CA PRO A 167 -20.28 1.70 -9.94
C PRO A 167 -18.90 1.24 -9.49
N VAL A 168 -17.89 2.10 -9.61
CA VAL A 168 -16.55 1.75 -9.14
C VAL A 168 -16.55 1.57 -7.63
N MET A 169 -17.09 2.55 -6.89
CA MET A 169 -17.06 2.54 -5.44
C MET A 169 -18.00 1.54 -4.82
N THR A 170 -18.95 0.98 -5.58
CA THR A 170 -19.88 -0.01 -5.05
C THR A 170 -19.58 -1.43 -5.52
N PHE A 171 -18.44 -1.65 -6.19
CA PHE A 171 -17.99 -2.97 -6.59
C PHE A 171 -18.97 -3.63 -7.58
N GLN A 172 -19.48 -2.84 -8.52
CA GLN A 172 -20.33 -3.40 -9.55
C GLN A 172 -19.51 -4.22 -10.54
N ALA A 173 -20.08 -5.33 -11.01
CA ALA A 173 -19.47 -6.08 -12.09
C ALA A 173 -19.56 -5.26 -13.36
N ILE A 174 -18.42 -4.77 -13.83
CA ILE A 174 -18.38 -3.85 -14.96
C ILE A 174 -18.02 -4.61 -16.23
N GLU A 175 -18.71 -4.29 -17.32
CA GLU A 175 -18.58 -4.98 -18.59
C GLU A 175 -17.44 -4.40 -19.42
N GLY A 176 -16.73 -5.26 -20.12
CA GLY A 176 -15.70 -4.81 -21.04
C GLY A 176 -14.64 -5.87 -21.25
N ASP A 177 -13.60 -5.46 -21.98
CA ASP A 177 -12.44 -6.31 -22.22
C ASP A 177 -11.54 -6.31 -21.00
N GLU A 178 -10.40 -6.99 -21.11
CA GLU A 178 -9.49 -7.09 -19.97
C GLU A 178 -8.96 -5.72 -19.55
N ALA A 179 -8.65 -4.86 -20.53
CA ALA A 179 -8.10 -3.54 -20.21
C ALA A 179 -9.09 -2.74 -19.38
N THR A 180 -10.37 -2.77 -19.74
CA THR A 180 -11.39 -2.06 -18.97
C THR A 180 -11.53 -2.63 -17.57
N LYS A 181 -11.59 -3.96 -17.45
CA LYS A 181 -11.71 -4.58 -16.14
C LYS A 181 -10.45 -4.38 -15.31
N ALA A 182 -9.28 -4.40 -15.96
CA ALA A 182 -8.04 -4.15 -15.23
C ALA A 182 -7.97 -2.70 -14.77
N TYR A 183 -8.47 -1.77 -15.58
CA TYR A 183 -8.47 -0.37 -15.17
C TYR A 183 -9.42 -0.16 -13.98
N VAL A 184 -10.58 -0.80 -14.00
CA VAL A 184 -11.53 -0.67 -12.89
C VAL A 184 -10.93 -1.28 -11.63
N THR A 185 -10.22 -2.39 -11.76
CA THR A 185 -9.59 -3.03 -10.61
C THR A 185 -8.54 -2.13 -9.98
N LEU A 186 -7.69 -1.50 -10.80
CA LEU A 186 -6.67 -0.61 -10.24
C LEU A 186 -7.32 0.60 -9.56
N LEU A 187 -8.35 1.19 -10.19
CA LEU A 187 -9.04 2.31 -9.59
C LEU A 187 -9.60 1.95 -8.22
N ARG A 188 -10.15 0.74 -8.08
CA ARG A 188 -10.71 0.34 -6.80
C ARG A 188 -9.63 0.19 -5.74
N PHE A 189 -8.48 -0.38 -6.11
CA PHE A 189 -7.40 -0.53 -5.14
C PHE A 189 -6.80 0.83 -4.76
N VAL A 190 -6.65 1.73 -5.73
CA VAL A 190 -6.04 3.03 -5.43
C VAL A 190 -7.04 3.93 -4.70
N LEU A 191 -8.30 3.93 -5.12
CA LEU A 191 -9.28 4.84 -4.52
C LEU A 191 -9.81 4.33 -3.19
N ILE A 192 -9.91 3.02 -3.01
CA ILE A 192 -10.44 2.42 -1.79
C ILE A 192 -9.33 1.79 -0.96
N GLY A 193 -8.56 0.88 -1.56
CA GLY A 193 -7.51 0.21 -0.81
C GLY A 193 -6.45 1.16 -0.29
N TRP A 194 -5.96 2.07 -1.15
CA TRP A 194 -4.90 2.97 -0.74
C TRP A 194 -5.39 4.09 0.16
N GLY A 195 -6.71 4.32 0.22
CA GLY A 195 -7.24 5.34 1.11
C GLY A 195 -7.17 5.00 2.58
N ILE A 196 -6.87 3.75 2.91
CA ILE A 196 -6.75 3.36 4.32
C ILE A 196 -5.52 4.01 4.95
N TYR A 197 -4.49 4.28 4.15
CA TYR A 197 -3.25 4.79 4.74
C TYR A 197 -3.37 6.23 5.22
N PRO A 198 -3.93 7.18 4.46
CA PRO A 198 -4.08 8.53 5.02
C PRO A 198 -4.98 8.59 6.24
N ILE A 199 -5.94 7.67 6.37
CA ILE A 199 -6.76 7.62 7.58
C ILE A 199 -5.90 7.24 8.78
N GLY A 200 -5.03 6.25 8.60
CA GLY A 200 -4.13 5.88 9.68
C GLY A 200 -3.15 6.99 10.02
N TYR A 201 -2.66 7.71 9.01
CA TYR A 201 -1.73 8.81 9.24
C TYR A 201 -2.35 9.91 10.10
N LEU A 202 -3.68 10.07 10.04
CA LEU A 202 -4.35 11.10 10.82
C LEU A 202 -4.25 10.83 12.32
N ILE A 203 -4.04 9.59 12.72
CA ILE A 203 -4.12 9.21 14.13
C ILE A 203 -2.90 9.71 14.89
N PRO A 204 -1.66 9.46 14.45
CA PRO A 204 -0.52 10.07 15.14
C PRO A 204 -0.48 11.58 15.02
N THR A 205 -1.12 12.14 13.99
CA THR A 205 -1.11 13.59 13.81
C THR A 205 -1.97 14.28 14.87
N TYR A 206 -3.21 13.82 15.03
CA TYR A 206 -4.18 14.54 15.85
C TYR A 206 -4.63 13.80 17.10
N PHE A 207 -4.32 12.51 17.25
CA PHE A 207 -4.85 11.73 18.36
C PHE A 207 -3.76 11.09 19.23
N ALA A 208 -2.50 11.51 19.11
CA ALA A 208 -1.45 10.93 19.94
C ALA A 208 -1.65 11.28 21.41
N GLY A 209 -2.21 12.46 21.70
CA GLY A 209 -2.62 12.77 23.05
C GLY A 209 -4.02 12.22 23.30
N ALA A 210 -4.94 13.09 23.70
CA ALA A 210 -6.37 12.79 23.77
C ALA A 210 -6.70 11.63 24.70
N GLY A 211 -5.82 11.31 25.66
CA GLY A 211 -6.12 10.34 26.68
C GLY A 211 -6.13 8.89 26.27
N ALA A 212 -6.00 8.59 24.97
CA ALA A 212 -6.10 7.23 24.50
C ALA A 212 -4.78 6.49 24.68
N ALA A 213 -4.86 5.30 25.25
CA ALA A 213 -3.72 4.40 25.34
C ALA A 213 -3.69 3.51 24.11
N ASP A 214 -2.51 3.38 23.50
CA ASP A 214 -2.25 2.39 22.46
C ASP A 214 -3.00 2.68 21.16
N VAL A 215 -3.05 3.95 20.75
CA VAL A 215 -3.54 4.25 19.41
C VAL A 215 -2.55 3.79 18.36
N PHE A 216 -1.26 3.76 18.71
CA PHE A 216 -0.24 3.47 17.71
C PHE A 216 -0.26 2.01 17.27
N ASP A 217 -0.59 1.09 18.19
CA ASP A 217 -0.74 -0.29 17.75
C ASP A 217 -1.95 -0.46 16.84
N TRP A 218 -3.00 0.35 17.05
CA TRP A 218 -4.12 0.37 16.12
C TRP A 218 -3.70 0.86 14.73
N VAL A 219 -2.78 1.83 14.68
CA VAL A 219 -2.28 2.29 13.39
C VAL A 219 -1.47 1.20 12.71
N ASN A 220 -0.71 0.43 13.49
CA ASN A 220 -0.01 -0.72 12.93
C ASN A 220 -0.98 -1.76 12.40
N ILE A 221 -2.08 -1.99 13.12
CA ILE A 221 -3.09 -2.94 12.65
C ILE A 221 -3.70 -2.46 11.35
N ILE A 222 -3.98 -1.15 11.26
CA ILE A 222 -4.56 -0.58 10.03
C ILE A 222 -3.59 -0.73 8.87
N TYR A 223 -2.33 -0.33 9.08
CA TYR A 223 -1.33 -0.42 8.01
C TYR A 223 -1.08 -1.87 7.60
N ASN A 224 -1.05 -2.79 8.58
CA ASN A 224 -0.80 -4.19 8.27
C ASN A 224 -1.91 -4.78 7.40
N ILE A 225 -3.16 -4.50 7.76
CA ILE A 225 -4.27 -4.99 6.96
C ILE A 225 -4.29 -4.33 5.59
N GLY A 226 -3.91 -3.05 5.52
CA GLY A 226 -3.83 -2.38 4.23
C GLY A 226 -2.80 -3.01 3.32
N ASP A 227 -1.61 -3.32 3.86
CA ASP A 227 -0.56 -3.94 3.04
C ASP A 227 -1.00 -5.30 2.54
N PHE A 228 -1.60 -6.12 3.41
CA PHE A 228 -2.09 -7.44 3.01
C PHE A 228 -3.08 -7.32 1.86
N VAL A 229 -4.09 -6.48 2.02
CA VAL A 229 -5.13 -6.33 1.01
C VAL A 229 -4.56 -5.76 -0.28
N ASN A 230 -3.72 -4.73 -0.18
CA ASN A 230 -3.29 -4.03 -1.37
C ASN A 230 -2.25 -4.80 -2.17
N LYS A 231 -1.39 -5.57 -1.50
CA LYS A 231 -0.36 -6.27 -2.23
C LYS A 231 -0.82 -7.65 -2.69
N ILE A 232 -1.38 -8.45 -1.77
CA ILE A 232 -1.85 -9.78 -2.14
C ILE A 232 -3.13 -9.68 -2.95
N GLY A 233 -4.05 -8.79 -2.56
CA GLY A 233 -5.30 -8.66 -3.28
C GLY A 233 -5.09 -8.19 -4.71
N PHE A 234 -4.27 -7.16 -4.90
CA PHE A 234 -4.03 -6.65 -6.25
C PHE A 234 -3.24 -7.66 -7.07
N GLY A 235 -2.26 -8.31 -6.46
CA GLY A 235 -1.49 -9.33 -7.18
C GLY A 235 -2.37 -10.43 -7.71
N PHE A 236 -3.30 -10.94 -6.89
CA PHE A 236 -4.15 -12.04 -7.32
C PHE A 236 -5.28 -11.58 -8.23
N ALA A 237 -5.81 -10.36 -8.01
CA ALA A 237 -6.85 -9.86 -8.90
C ALA A 237 -6.32 -9.72 -10.32
N THR A 238 -5.12 -9.15 -10.48
CA THR A 238 -4.55 -8.98 -11.81
C THR A 238 -4.11 -10.32 -12.41
N TYR A 239 -3.61 -11.24 -11.57
CA TYR A 239 -3.25 -12.56 -12.08
C TYR A 239 -4.47 -13.26 -12.66
N LEU A 240 -5.60 -13.24 -11.94
CA LEU A 240 -6.82 -13.85 -12.44
C LEU A 240 -7.32 -13.18 -13.70
N LEU A 241 -7.14 -11.86 -13.81
CA LEU A 241 -7.66 -11.14 -14.97
C LEU A 241 -6.83 -11.44 -16.22
N VAL A 242 -5.51 -11.43 -16.10
CA VAL A 242 -4.65 -11.75 -17.24
C VAL A 242 -4.87 -13.20 -17.66
N LYS A 243 -5.10 -14.09 -16.69
CA LYS A 243 -5.36 -15.48 -17.02
C LYS A 243 -6.63 -15.62 -17.85
N GLY A 244 -7.65 -14.82 -17.55
CA GLY A 244 -8.91 -14.88 -18.28
C GLY A 244 -8.93 -14.12 -19.59
N SER A 245 -7.90 -13.32 -19.86
CA SER A 245 -7.83 -12.55 -21.10
C SER A 245 -7.40 -13.39 -22.30
N GLU A 246 -6.87 -14.58 -22.08
CA GLU A 246 -6.34 -15.40 -23.17
C GLU A 246 -7.43 -15.71 -24.18
N LEU A 247 -7.20 -15.29 -25.43
CA LEU A 247 -8.13 -15.53 -26.52
C LEU A 247 -7.98 -16.91 -27.14
N GLU A 248 -6.92 -17.63 -26.80
CA GLU A 248 -6.64 -18.93 -27.40
C GLU A 248 -7.60 -19.99 -26.87
C1 RET B . 0.72 8.61 3.50
C2 RET B . 0.84 9.96 4.22
C3 RET B . -0.43 10.70 4.33
C4 RET B . -0.93 10.96 2.91
C5 RET B . -1.03 9.70 2.09
C6 RET B . -0.28 8.60 2.35
C7 RET B . -0.47 7.44 1.48
C8 RET B . 0.15 6.23 1.52
C9 RET B . -0.08 5.15 0.66
C10 RET B . 0.63 3.93 0.80
C11 RET B . 0.53 2.78 0.06
C12 RET B . 1.27 1.64 0.29
C13 RET B . 1.27 0.40 -0.39
C14 RET B . 2.13 -0.63 0.03
C15 RET B . 2.26 -1.89 -0.52
C16 RET B . 2.14 8.27 3.02
C17 RET B . 0.31 7.57 4.56
C18 RET B . -2.04 9.80 0.98
C19 RET B . -1.07 5.22 -0.43
C20 RET B . 0.35 0.24 -1.54
C18 OLC C . 13.05 -1.69 -7.41
C10 OLC C . 12.14 6.77 -8.46
C9 OLC C . 10.84 6.74 -8.69
C17 OLC C . 12.60 -0.36 -6.85
C11 OLC C . 12.79 5.78 -7.50
C8 OLC C . 10.23 7.74 -9.64
C16 OLC C . 11.98 0.53 -7.93
C12 OLC C . 11.74 4.83 -6.96
C7 OLC C . 9.89 7.08 -10.97
C15 OLC C . 11.59 1.88 -7.35
C13 OLC C . 12.36 3.83 -5.99
C6 OLC C . 11.13 6.85 -11.81
C14 OLC C . 12.81 2.57 -6.72
C5 OLC C . 10.77 6.18 -13.14
C4 OLC C . 12.02 5.79 -13.91
C3 OLC C . 11.65 5.05 -15.19
C2 OLC C . 12.89 4.71 -16.01
C21 OLC C . 11.45 2.33 -18.70
C1 OLC C . 12.48 4.15 -17.34
O19 OLC C . 12.77 4.72 -18.38
O20 OLC C . 11.75 2.89 -17.42
C18 OLC D . -5.24 -10.86 8.73
C10 OLC D . -11.07 -6.48 4.57
C9 OLC D . -10.91 -5.16 4.50
C17 OLC D . -5.53 -9.70 7.81
C11 OLC D . -10.86 -7.36 3.37
C8 OLC D . -10.50 -4.51 3.19
C24 OLC D . -11.61 -6.21 -8.19
C16 OLC D . -6.49 -10.12 6.71
C12 OLC D . -10.21 -8.66 3.79
C7 OLC D . -11.62 -3.57 2.76
C15 OLC D . -7.05 -8.91 5.98
C13 OLC D . -9.28 -8.42 4.98
C6 OLC D . -11.15 -2.58 1.70
C14 OLC D . -8.05 -9.33 4.92
C5 OLC D . -10.68 -3.30 0.44
C4 OLC D . -10.26 -2.30 -0.61
C3 OLC D . -9.65 -2.98 -1.83
C2 OLC D . -10.62 -3.99 -2.42
C21 OLC D . -11.23 -4.83 -6.15
C1 OLC D . -10.61 -3.87 -3.92
C22 OLC D . -11.91 -6.07 -6.70
O19 OLC D . -9.98 -2.98 -4.47
O25 OLC D . -12.43 -5.29 -8.93
O23 OLC D . -11.43 -7.22 -6.01
O20 OLC D . -11.34 -4.84 -4.73
N NO3 E . 2.79 7.66 9.89
O1 NO3 E . 2.76 6.83 8.94
O2 NO3 E . 1.81 7.76 10.69
O3 NO3 E . 3.81 8.40 10.05
C18 OLC F . -13.00 14.08 10.58
C10 OLC F . -9.78 6.43 14.51
C9 OLC F . -9.26 6.18 15.71
C17 OLC F . -11.73 13.26 10.62
C11 OLC F . -9.87 7.83 13.97
C8 OLC F . -8.74 7.30 16.58
C24 OLC F . -9.23 9.61 29.65
C16 OLC F . -12.00 11.83 11.09
C12 OLC F . -9.29 7.83 12.56
C7 OLC F . -9.18 7.05 18.02
C15 OLC F . -10.73 11.02 10.95
C13 OLC F . -9.32 9.24 11.97
C6 OLC F . -8.61 8.10 18.97
C14 OLC F . -10.74 9.76 11.80
C5 OLC F . -9.24 7.99 20.35
C4 OLC F . -8.92 9.21 21.20
C3 OLC F . -9.91 9.39 22.35
C2 OLC F . -9.67 8.39 23.48
C21 OLC F . -9.79 9.17 27.27
C1 OLC F . -9.94 9.05 24.81
C22 OLC F . -8.99 8.67 28.47
O19 OLC F . -10.55 10.11 24.85
O25 OLC F . -9.08 10.96 29.21
O23 OLC F . -9.41 7.35 28.82
O20 OLC F . -9.47 8.48 26.06
N NO3 G . -1.94 -5.16 -13.71
O1 NO3 G . -1.19 -6.11 -14.08
O2 NO3 G . -3.03 -4.94 -14.31
O3 NO3 G . -1.61 -4.44 -12.72
#